data_5TQJ
#
_entry.id   5TQJ
#
_cell.length_a   82.600
_cell.length_b   82.600
_cell.length_c   31.970
_cell.angle_alpha   90.000
_cell.angle_beta   90.000
_cell.angle_gamma   90.000
#
_symmetry.space_group_name_H-M   'P 43 21 2'
#
loop_
_entity.id
_entity.type
_entity.pdbx_description
1 polymer 'Response regulator receiver protein'
2 non-polymer 'CHLORIDE ION'
3 non-polymer 1,2-ETHANEDIOL
4 water water
#
_entity_poly.entity_id   1
_entity_poly.type   'polypeptide(L)'
_entity_poly.pdbx_seq_one_letter_code
;MAHHHHHHMGTNKPFVVVVDDDASVGRAIRRLLRSVGIAADTYTSGDEFLDVLSATPSYRPDCVILDVQMPGSNGIEVQR
RLAGGAVPVIFITAHDDAGVRETALAAGARAYLRKPFNDVLFIRTVCAVLGIAAPL
;
_entity_poly.pdbx_strand_id   A
#
loop_
_chem_comp.id
_chem_comp.type
_chem_comp.name
_chem_comp.formula
CL non-polymer 'CHLORIDE ION' 'Cl -1'
EDO non-polymer 1,2-ETHANEDIOL 'C2 H6 O2'
#
# COMPACT_ATOMS: atom_id res chain seq x y z
N LYS A 13 -16.62 -4.48 -3.65
CA LYS A 13 -15.80 -3.27 -3.61
C LYS A 13 -14.31 -3.60 -3.71
N PRO A 14 -13.55 -2.72 -4.35
CA PRO A 14 -12.09 -2.86 -4.33
C PRO A 14 -11.58 -2.86 -2.90
N PHE A 15 -10.49 -3.60 -2.67
CA PHE A 15 -9.97 -3.84 -1.33
C PHE A 15 -8.47 -3.57 -1.31
N VAL A 16 -8.04 -2.66 -0.45
CA VAL A 16 -6.65 -2.26 -0.35
C VAL A 16 -6.13 -2.59 1.05
N VAL A 17 -4.88 -3.07 1.14
CA VAL A 17 -4.20 -3.22 2.41
C VAL A 17 -3.09 -2.18 2.50
N VAL A 18 -3.00 -1.51 3.63
CA VAL A 18 -1.93 -0.57 3.95
C VAL A 18 -1.06 -1.19 5.04
N VAL A 19 0.26 -1.13 4.86
CA VAL A 19 1.19 -1.48 5.91
C VAL A 19 2.10 -0.27 6.13
N ASP A 20 1.96 0.38 7.29
CA ASP A 20 2.74 1.57 7.61
C ASP A 20 2.94 1.57 9.13
N ASP A 21 4.17 1.83 9.57
CA ASP A 21 4.53 1.80 10.99
CA ASP A 21 4.37 1.68 11.00
C ASP A 21 3.68 2.76 11.82
N ASP A 22 3.16 3.82 11.20
CA ASP A 22 2.44 4.88 11.92
C ASP A 22 0.96 4.57 11.84
N ALA A 23 0.35 4.25 13.00
CA ALA A 23 -1.08 3.95 13.04
C ALA A 23 -1.91 5.10 12.49
N SER A 24 -1.46 6.34 12.66
CA SER A 24 -2.23 7.49 12.18
C SER A 24 -2.28 7.53 10.65
N VAL A 25 -1.26 6.99 9.97
CA VAL A 25 -1.30 6.93 8.52
C VAL A 25 -2.36 5.94 8.06
N GLY A 26 -2.39 4.75 8.65
CA GLY A 26 -3.41 3.79 8.27
C GLY A 26 -4.81 4.31 8.54
N ARG A 27 -4.99 4.96 9.69
CA ARG A 27 -6.28 5.55 10.04
C ARG A 27 -6.73 6.58 8.98
N ALA A 28 -5.84 7.52 8.63
CA ALA A 28 -6.20 8.52 7.62
C ALA A 28 -6.50 7.87 6.27
N ILE A 29 -5.68 6.91 5.86
CA ILE A 29 -5.86 6.33 4.54
C ILE A 29 -7.17 5.53 4.47
N ARG A 30 -7.47 4.72 5.47
CA ARG A 30 -8.67 3.90 5.37
CA ARG A 30 -8.67 3.90 5.37
C ARG A 30 -9.93 4.76 5.33
N ARG A 31 -9.94 5.89 6.03
CA ARG A 31 -11.10 6.77 5.97
C ARG A 31 -11.21 7.42 4.60
N LEU A 32 -10.08 7.86 4.04
CA LEU A 32 -10.11 8.50 2.73
C LEU A 32 -10.55 7.51 1.65
N LEU A 33 -10.05 6.29 1.69
CA LEU A 33 -10.47 5.30 0.70
C LEU A 33 -11.95 4.96 0.86
N ARG A 34 -12.42 4.85 2.11
CA ARG A 34 -13.84 4.60 2.33
C ARG A 34 -14.70 5.67 1.67
N SER A 35 -14.25 6.93 1.71
CA SER A 35 -15.04 8.03 1.15
C SER A 35 -15.24 7.91 -0.35
N VAL A 36 -14.40 7.14 -1.04
CA VAL A 36 -14.56 6.93 -2.47
C VAL A 36 -14.93 5.47 -2.79
N GLY A 37 -15.46 4.74 -1.82
CA GLY A 37 -15.99 3.42 -2.09
C GLY A 37 -14.97 2.30 -2.15
N ILE A 38 -13.81 2.50 -1.53
CA ILE A 38 -12.75 1.49 -1.55
C ILE A 38 -12.56 1.02 -0.10
N ALA A 39 -12.73 -0.29 0.12
CA ALA A 39 -12.50 -0.86 1.43
C ALA A 39 -11.00 -1.01 1.67
N ALA A 40 -10.59 -0.91 2.93
CA ALA A 40 -9.18 -0.97 3.26
C ALA A 40 -9.00 -1.54 4.66
N ASP A 41 -7.96 -2.34 4.82
CA ASP A 41 -7.46 -2.81 6.10
C ASP A 41 -6.04 -2.29 6.23
N THR A 42 -5.68 -1.85 7.43
CA THR A 42 -4.35 -1.29 7.65
C THR A 42 -3.66 -1.99 8.81
N TYR A 43 -2.33 -2.03 8.72
CA TYR A 43 -1.48 -2.72 9.69
C TYR A 43 -0.29 -1.82 9.98
N THR A 44 0.22 -1.90 11.21
CA THR A 44 1.51 -1.33 11.54
C THR A 44 2.64 -2.35 11.49
N SER A 45 2.30 -3.63 11.30
CA SER A 45 3.26 -4.72 11.31
C SER A 45 3.12 -5.51 10.02
N GLY A 46 4.20 -5.60 9.24
CA GLY A 46 4.16 -6.43 8.05
C GLY A 46 3.92 -7.90 8.38
N ASP A 47 4.52 -8.38 9.46
CA ASP A 47 4.33 -9.78 9.86
C ASP A 47 2.87 -10.09 10.14
N GLU A 48 2.15 -9.16 10.76
CA GLU A 48 0.73 -9.37 11.03
CA GLU A 48 0.74 -9.39 11.03
C GLU A 48 -0.04 -9.57 9.73
N PHE A 49 0.27 -8.78 8.70
CA PHE A 49 -0.39 -8.94 7.41
C PHE A 49 0.00 -10.27 6.77
N LEU A 50 1.28 -10.62 6.81
CA LEU A 50 1.74 -11.89 6.24
C LEU A 50 1.04 -13.06 6.89
N ASP A 51 0.82 -12.99 8.20
CA ASP A 51 0.17 -14.10 8.89
C ASP A 51 -1.25 -14.31 8.41
N VAL A 52 -1.98 -13.24 8.10
CA VAL A 52 -3.34 -13.39 7.60
C VAL A 52 -3.33 -14.03 6.22
N LEU A 53 -2.44 -13.54 5.35
CA LEU A 53 -2.31 -14.12 4.01
C LEU A 53 -2.08 -15.62 4.08
N SER A 54 -1.18 -16.05 4.97
CA SER A 54 -0.84 -17.47 5.07
CA SER A 54 -0.85 -17.47 5.05
C SER A 54 -1.98 -18.27 5.68
N ALA A 55 -2.77 -17.65 6.56
CA ALA A 55 -3.81 -18.38 7.26
C ALA A 55 -5.03 -18.62 6.36
N THR A 56 -5.37 -17.66 5.49
CA THR A 56 -6.58 -17.84 4.72
C THR A 56 -6.43 -17.34 3.29
N PRO A 57 -6.48 -18.26 2.33
CA PRO A 57 -6.39 -17.87 0.91
C PRO A 57 -7.47 -16.90 0.47
N SER A 58 -8.58 -16.80 1.22
CA SER A 58 -9.68 -15.91 0.85
CA SER A 58 -9.68 -15.91 0.84
C SER A 58 -9.35 -14.45 1.09
N TYR A 59 -8.32 -14.16 1.88
CA TYR A 59 -7.94 -12.79 2.22
C TYR A 59 -6.86 -12.35 1.24
N ARG A 60 -7.25 -11.60 0.22
CA ARG A 60 -6.30 -11.12 -0.77
C ARG A 60 -6.69 -9.72 -1.20
N PRO A 61 -5.86 -8.72 -0.96
CA PRO A 61 -6.18 -7.36 -1.41
C PRO A 61 -5.94 -7.23 -2.91
N ASP A 62 -6.60 -6.22 -3.48
CA ASP A 62 -6.40 -5.86 -4.88
C ASP A 62 -5.14 -5.02 -5.08
N CYS A 63 -4.64 -4.40 -4.01
CA CYS A 63 -3.45 -3.56 -4.05
CA CYS A 63 -3.33 -3.77 -4.05
C CYS A 63 -2.91 -3.47 -2.63
N VAL A 64 -1.60 -3.29 -2.48
CA VAL A 64 -0.98 -3.06 -1.18
C VAL A 64 -0.22 -1.74 -1.24
N ILE A 65 -0.42 -0.91 -0.22
CA ILE A 65 0.34 0.32 -0.02
C ILE A 65 1.33 0.05 1.10
N LEU A 66 2.62 0.19 0.82
CA LEU A 66 3.68 -0.32 1.69
C LEU A 66 4.66 0.78 2.05
N ASP A 67 4.84 1.02 3.35
CA ASP A 67 5.81 1.97 3.87
C ASP A 67 7.21 1.35 3.82
N VAL A 68 8.07 1.89 2.95
CA VAL A 68 9.41 1.31 2.77
C VAL A 68 10.36 1.71 3.88
N GLN A 69 9.95 2.59 4.79
CA GLN A 69 10.84 3.06 5.83
C GLN A 69 10.57 2.42 7.19
N MET A 70 9.67 1.43 7.28
CA MET A 70 9.30 0.87 8.57
C MET A 70 10.54 0.44 9.35
N PRO A 71 10.80 1.02 10.51
CA PRO A 71 12.03 0.70 11.22
C PRO A 71 12.10 -0.78 11.59
N GLY A 72 13.21 -1.41 11.22
CA GLY A 72 13.42 -2.80 11.56
C GLY A 72 12.89 -3.81 10.57
N SER A 73 12.23 -3.37 9.49
CA SER A 73 11.79 -4.32 8.48
C SER A 73 11.76 -3.73 7.08
N ASN A 74 11.46 -2.43 6.97
CA ASN A 74 11.36 -1.76 5.68
C ASN A 74 10.30 -2.39 4.77
N GLY A 75 9.39 -3.19 5.33
CA GLY A 75 8.42 -3.90 4.50
C GLY A 75 9.03 -4.92 3.56
N ILE A 76 10.26 -5.36 3.82
CA ILE A 76 10.95 -6.25 2.89
C ILE A 76 10.19 -7.55 2.69
N GLU A 77 9.71 -8.15 3.79
CA GLU A 77 9.08 -9.45 3.64
C GLU A 77 7.69 -9.40 3.04
N VAL A 78 6.95 -8.30 3.27
CA VAL A 78 5.70 -8.10 2.55
C VAL A 78 5.96 -8.05 1.05
N GLN A 79 6.95 -7.24 0.65
CA GLN A 79 7.30 -7.15 -0.76
C GLN A 79 7.68 -8.52 -1.31
N ARG A 80 8.50 -9.26 -0.56
CA ARG A 80 8.99 -10.53 -1.07
C ARG A 80 7.85 -11.51 -1.30
N ARG A 81 6.88 -11.54 -0.38
CA ARG A 81 5.76 -12.46 -0.51
C ARG A 81 4.90 -12.13 -1.73
N LEU A 82 4.69 -10.85 -2.02
CA LEU A 82 3.80 -10.45 -3.10
C LEU A 82 4.49 -10.43 -4.46
N ALA A 83 5.83 -10.43 -4.48
CA ALA A 83 6.57 -10.20 -5.73
C ALA A 83 6.17 -11.20 -6.80
N GLY A 84 5.92 -10.69 -8.01
CA GLY A 84 5.61 -11.51 -9.15
C GLY A 84 4.17 -11.92 -9.30
N GLY A 85 3.32 -11.62 -8.31
CA GLY A 85 1.96 -12.09 -8.31
C GLY A 85 0.97 -11.03 -8.75
N ALA A 86 -0.30 -11.31 -8.46
CA ALA A 86 -1.39 -10.48 -8.94
C ALA A 86 -1.68 -9.27 -8.05
N VAL A 87 -0.94 -9.07 -6.96
CA VAL A 87 -1.18 -7.97 -6.04
C VAL A 87 -0.15 -6.88 -6.33
N PRO A 88 -0.52 -5.78 -6.99
CA PRO A 88 0.43 -4.68 -7.19
C PRO A 88 0.70 -3.94 -5.89
N VAL A 89 1.89 -3.36 -5.80
CA VAL A 89 2.36 -2.66 -4.61
C VAL A 89 2.64 -1.20 -4.96
N ILE A 90 2.14 -0.30 -4.11
CA ILE A 90 2.45 1.11 -4.16
C ILE A 90 3.36 1.40 -2.98
N PHE A 91 4.54 1.96 -3.24
CA PHE A 91 5.42 2.34 -2.14
C PHE A 91 5.05 3.72 -1.62
N ILE A 92 5.08 3.87 -0.29
CA ILE A 92 4.97 5.19 0.31
C ILE A 92 6.18 5.44 1.21
N THR A 93 6.49 6.71 1.36
CA THR A 93 7.67 7.09 2.12
C THR A 93 7.51 8.55 2.54
N ALA A 94 8.47 9.03 3.34
CA ALA A 94 8.45 10.39 3.83
C ALA A 94 8.79 11.39 2.72
N HIS A 95 8.42 12.65 2.94
CA HIS A 95 8.52 13.67 1.89
C HIS A 95 9.95 13.90 1.41
N ASP A 96 10.95 13.62 2.24
CA ASP A 96 12.33 13.89 1.92
C ASP A 96 13.11 12.63 1.51
N ASP A 97 12.43 11.55 1.15
CA ASP A 97 13.12 10.37 0.65
C ASP A 97 13.49 10.64 -0.80
N ALA A 98 14.75 11.05 -1.02
CA ALA A 98 15.19 11.44 -2.35
C ALA A 98 15.32 10.25 -3.29
N GLY A 99 15.37 9.04 -2.76
CA GLY A 99 15.69 7.89 -3.57
C GLY A 99 14.53 6.95 -3.83
N VAL A 100 13.29 7.37 -3.57
CA VAL A 100 12.19 6.40 -3.61
C VAL A 100 11.97 5.85 -5.01
N ARG A 101 12.26 6.61 -6.07
CA ARG A 101 11.99 6.10 -7.41
C ARG A 101 12.83 4.87 -7.72
N GLU A 102 14.14 4.94 -7.50
CA GLU A 102 14.96 3.77 -7.80
C GLU A 102 14.57 2.59 -6.93
N THR A 103 14.21 2.86 -5.68
CA THR A 103 13.70 1.83 -4.79
CA THR A 103 13.71 1.81 -4.81
C THR A 103 12.47 1.15 -5.40
N ALA A 104 11.53 1.96 -5.90
CA ALA A 104 10.33 1.40 -6.52
C ALA A 104 10.66 0.62 -7.79
N LEU A 105 11.53 1.19 -8.64
CA LEU A 105 11.89 0.53 -9.89
CA LEU A 105 11.90 0.53 -9.88
C LEU A 105 12.43 -0.86 -9.64
N ALA A 106 13.45 -0.97 -8.78
CA ALA A 106 14.10 -2.26 -8.59
C ALA A 106 13.20 -3.26 -7.90
N ALA A 107 12.25 -2.79 -7.10
CA ALA A 107 11.32 -3.67 -6.40
C ALA A 107 10.16 -4.14 -7.26
N GLY A 108 9.98 -3.58 -8.46
CA GLY A 108 8.80 -3.89 -9.23
C GLY A 108 7.53 -3.29 -8.67
N ALA A 109 7.64 -2.27 -7.82
CA ALA A 109 6.45 -1.55 -7.37
C ALA A 109 5.77 -0.91 -8.58
N ARG A 110 4.44 -0.83 -8.51
CA ARG A 110 3.68 -0.23 -9.60
C ARG A 110 3.76 1.29 -9.59
N ALA A 111 3.95 1.89 -8.43
CA ALA A 111 3.86 3.34 -8.27
C ALA A 111 4.44 3.68 -6.91
N TYR A 112 4.69 4.96 -6.69
CA TYR A 112 5.15 5.42 -5.40
C TYR A 112 4.57 6.80 -5.12
N LEU A 113 4.44 7.11 -3.83
CA LEU A 113 3.95 8.40 -3.36
C LEU A 113 4.72 8.81 -2.13
N ARG A 114 5.00 10.09 -2.01
CA ARG A 114 5.58 10.64 -0.80
C ARG A 114 4.46 11.22 0.06
N LYS A 115 4.57 11.03 1.38
CA LYS A 115 3.68 11.58 2.39
C LYS A 115 4.15 12.97 2.77
N PRO A 116 3.26 13.95 3.03
CA PRO A 116 1.81 13.82 2.96
C PRO A 116 1.38 13.95 1.52
N PHE A 117 0.20 13.46 1.20
CA PHE A 117 -0.26 13.54 -0.18
C PHE A 117 -1.60 14.25 -0.22
N ASN A 118 -1.87 14.85 -1.37
CA ASN A 118 -3.17 15.47 -1.59
C ASN A 118 -4.17 14.44 -2.10
N ASP A 119 -5.47 14.78 -1.99
CA ASP A 119 -6.52 13.80 -2.27
C ASP A 119 -6.49 13.35 -3.73
N VAL A 120 -6.41 14.29 -4.67
CA VAL A 120 -6.50 13.96 -6.09
CA VAL A 120 -6.52 13.92 -6.07
C VAL A 120 -5.37 13.01 -6.48
N LEU A 121 -4.14 13.34 -6.08
CA LEU A 121 -3.01 12.49 -6.44
C LEU A 121 -3.16 11.11 -5.83
N PHE A 122 -3.54 11.05 -4.55
CA PHE A 122 -3.65 9.75 -3.88
C PHE A 122 -4.73 8.90 -4.51
N ILE A 123 -5.92 9.47 -4.70
CA ILE A 123 -7.03 8.68 -5.23
C ILE A 123 -6.77 8.29 -6.68
N ARG A 124 -6.25 9.21 -7.49
CA ARG A 124 -5.92 8.85 -8.88
CA ARG A 124 -5.94 8.84 -8.87
C ARG A 124 -4.89 7.74 -8.93
N THR A 125 -3.89 7.79 -8.05
CA THR A 125 -2.85 6.75 -8.05
C THR A 125 -3.45 5.40 -7.69
N VAL A 126 -4.21 5.34 -6.61
CA VAL A 126 -4.78 4.07 -6.17
C VAL A 126 -5.74 3.52 -7.23
N CYS A 127 -6.60 4.39 -7.77
CA CYS A 127 -7.55 3.93 -8.78
C CYS A 127 -6.85 3.42 -10.02
N ALA A 128 -5.79 4.11 -10.46
CA ALA A 128 -5.07 3.64 -11.64
C ALA A 128 -4.44 2.27 -11.39
N VAL A 129 -3.84 2.08 -10.20
CA VAL A 129 -3.24 0.79 -9.88
C VAL A 129 -4.31 -0.30 -9.84
N LEU A 130 -5.49 0.03 -9.32
CA LEU A 130 -6.59 -0.92 -9.25
C LEU A 130 -7.23 -1.16 -10.61
N GLY A 131 -6.97 -0.30 -11.60
CA GLY A 131 -7.61 -0.42 -12.89
C GLY A 131 -9.06 0.02 -12.91
N ILE A 132 -9.42 0.99 -12.06
CA ILE A 132 -10.79 1.52 -12.00
C ILE A 132 -10.76 3.02 -12.26
N ALA A 133 -11.91 3.54 -12.67
CA ALA A 133 -12.02 4.97 -12.93
C ALA A 133 -11.86 5.76 -11.62
N ALA A 134 -11.25 6.93 -11.74
CA ALA A 134 -11.06 7.72 -10.53
C ALA A 134 -12.23 8.68 -10.33
N PRO A 135 -12.67 8.87 -9.08
CA PRO A 135 -13.77 9.81 -8.81
C PRO A 135 -13.39 11.28 -8.95
N LEU A 136 -12.10 11.60 -9.07
CA LEU A 136 -11.68 13.00 -9.15
C LEU A 136 -10.47 13.18 -10.07
CL CL B . 7.83 -6.81 6.14
CL CL C . -0.28 -13.48 -4.13
CL CL D . -10.29 4.69 11.60
C1 EDO E . -5.30 2.34 14.56
O1 EDO E . -6.27 1.43 15.11
C2 EDO E . -4.45 1.59 13.54
O2 EDO E . -4.19 2.46 12.42
#